data_3GXZ
#
_entry.id   3GXZ
#
_cell.length_a   61.512
_cell.length_b   61.512
_cell.length_c   147.950
_cell.angle_alpha   90.00
_cell.angle_beta   90.00
_cell.angle_gamma   90.00
#
_symmetry.space_group_name_H-M   'P 41 21 2'
#
loop_
_entity.id
_entity.type
_entity.pdbx_description
1 polymer Cyanovirin-N
2 branched alpha-D-mannopyranose-(1-2)-alpha-D-mannopyranose-(1-2)-alpha-D-mannopyranose-(1-3)-[alpha-D-mannopyranose-(1-2)-alpha-D-mannopyranose-(1-6)-[alpha-D-mannopyranose-(1-3)]alpha-D-mannopyranose-(1-6)]beta-D-mannopyranose-(1-4)-2-acetamido-2-deoxy-beta-D-glucopyranose-(1-4)-2-acetamido-2-deoxy-beta-D-glucopyranose
3 branched alpha-D-mannopyranose-(1-2)-alpha-D-mannopyranose-(1-2)-alpha-D-mannopyranose-(1-3)-beta-D-mannopyranose
4 non-polymer '2-[N-CYCLOHEXYLAMINO]ETHANE SULFONIC ACID'
5 non-polymer 'MAGNESIUM ION'
6 water water
#
_entity_poly.entity_id   1
_entity_poly.type   'polypeptide(L)'
_entity_poly.pdbx_seq_one_letter_code
;LGKFSQTCYNSAIQGSVLTSTCERTNGGYNTSSIDLNSVIENVDGSLKWQPSNFIETCRNTQLAGSSELAAECKTRAQQF
VSTKINLDDHIANIDGTLKYE
;
_entity_poly.pdbx_strand_id   A,B
#
# COMPACT_ATOMS: atom_id res chain seq x y z
N LEU A 1 1.72 2.87 17.90
CA LEU A 1 1.48 2.39 16.48
C LEU A 1 2.04 1.01 16.07
N GLY A 2 1.26 0.25 15.30
CA GLY A 2 1.75 -0.99 14.71
C GLY A 2 1.59 -2.25 15.57
N LYS A 3 2.70 -2.91 15.86
CA LYS A 3 2.68 -4.06 16.77
C LYS A 3 1.76 -5.20 16.30
N PHE A 4 1.76 -5.46 14.99
CA PHE A 4 0.87 -6.47 14.43
C PHE A 4 1.26 -7.85 14.95
N SER A 5 2.54 -8.08 15.21
CA SER A 5 2.98 -9.42 15.55
C SER A 5 2.52 -9.88 16.93
N GLN A 6 1.89 -9.01 17.70
CA GLN A 6 1.45 -9.40 19.04
C GLN A 6 0.21 -10.24 18.94
N THR A 7 -0.47 -10.14 17.81
CA THR A 7 -1.80 -10.69 17.65
C THR A 7 -2.00 -11.33 16.29
N CYS A 8 -0.89 -11.66 15.63
CA CYS A 8 -0.88 -12.28 14.33
C CYS A 8 0.16 -13.38 14.35
N TYR A 9 0.06 -14.32 13.43
CA TYR A 9 1.02 -15.42 13.43
C TYR A 9 1.20 -15.99 12.02
N ASN A 10 2.17 -16.88 11.87
CA ASN A 10 2.42 -17.43 10.57
C ASN A 10 2.52 -16.29 9.55
N SER A 11 3.58 -15.51 9.67
CA SER A 11 3.76 -14.38 8.78
C SER A 11 4.81 -14.72 7.75
N ALA A 12 4.73 -14.07 6.60
CA ALA A 12 5.69 -14.34 5.55
C ALA A 12 5.94 -13.09 4.74
N ILE A 13 7.08 -13.06 4.06
CA ILE A 13 7.38 -12.00 3.09
C ILE A 13 7.77 -12.59 1.75
N GLN A 14 7.03 -12.22 0.72
CA GLN A 14 7.33 -12.66 -0.62
C GLN A 14 7.50 -11.46 -1.54
N GLY A 15 8.75 -11.17 -1.91
CA GLY A 15 9.06 -9.96 -2.64
C GLY A 15 8.93 -8.81 -1.66
N SER A 16 7.96 -7.94 -1.91
CA SER A 16 7.72 -6.81 -1.03
C SER A 16 6.39 -6.95 -0.28
N VAL A 17 5.76 -8.11 -0.39
CA VAL A 17 4.43 -8.32 0.16
C VAL A 17 4.50 -9.08 1.48
N LEU A 18 3.77 -8.61 2.48
CA LEU A 18 3.72 -9.27 3.78
C LEU A 18 2.34 -9.94 4.01
N THR A 19 2.38 -11.19 4.44
CA THR A 19 1.18 -11.96 4.69
C THR A 19 1.20 -12.51 6.10
N SER A 20 0.05 -12.52 6.76
CA SER A 20 -0.06 -12.96 8.14
C SER A 20 -1.46 -13.27 8.52
N THR A 21 -1.58 -14.03 9.59
CA THR A 21 -2.89 -14.40 10.03
C THR A 21 -3.06 -13.73 11.38
N CYS A 22 -4.12 -12.92 11.47
CA CYS A 22 -4.31 -12.01 12.59
C CYS A 22 -5.63 -12.25 13.27
N GLU A 23 -5.66 -11.99 14.57
CA GLU A 23 -6.88 -12.13 15.35
C GLU A 23 -7.83 -10.96 15.13
N ARG A 24 -9.06 -11.29 14.75
CA ARG A 24 -10.14 -10.32 14.73
C ARG A 24 -10.29 -9.87 16.17
N THR A 25 -10.86 -8.69 16.40
CA THR A 25 -11.00 -8.17 17.76
C THR A 25 -11.47 -9.22 18.76
N ASN A 26 -12.51 -9.97 18.39
CA ASN A 26 -12.99 -11.11 19.19
C ASN A 26 -13.67 -12.05 18.23
N GLY A 27 -13.24 -13.29 18.22
CA GLY A 27 -13.67 -14.19 17.18
C GLY A 27 -12.48 -14.90 16.57
N GLY A 28 -12.48 -15.01 15.24
CA GLY A 28 -11.53 -15.87 14.54
C GLY A 28 -10.26 -15.21 14.06
N TYR A 29 -9.82 -15.62 12.88
CA TYR A 29 -8.61 -15.09 12.27
C TYR A 29 -8.93 -14.69 10.84
N ASN A 30 -8.11 -13.80 10.30
CA ASN A 30 -8.24 -13.45 8.91
C ASN A 30 -6.84 -13.41 8.39
N THR A 31 -6.65 -13.85 7.15
CA THR A 31 -5.34 -13.82 6.54
C THR A 31 -5.29 -12.78 5.45
N SER A 32 -4.53 -11.72 5.70
CA SER A 32 -4.44 -10.63 4.77
C SER A 32 -3.02 -10.43 4.34
N SER A 33 -2.87 -9.61 3.32
CA SER A 33 -1.57 -9.27 2.85
C SER A 33 -1.52 -7.77 2.63
N ILE A 34 -0.31 -7.22 2.68
CA ILE A 34 -0.13 -5.80 2.47
C ILE A 34 1.14 -5.61 1.65
N ASP A 35 1.05 -4.84 0.57
CA ASP A 35 2.21 -4.69 -0.31
C ASP A 35 3.09 -3.59 0.26
N LEU A 36 4.34 -3.92 0.53
CA LEU A 36 5.19 -2.97 1.22
C LEU A 36 5.92 -2.03 0.27
N ASN A 37 5.65 -2.12 -1.03
CA ASN A 37 6.38 -1.30 -2.01
C ASN A 37 6.16 0.19 -1.81
N SER A 38 4.96 0.56 -1.35
CA SER A 38 4.65 1.95 -1.21
C SER A 38 4.66 2.34 0.26
N VAL A 39 5.23 1.48 1.11
CA VAL A 39 5.17 1.76 2.54
C VAL A 39 6.53 2.11 3.13
N ILE A 40 7.59 1.63 2.51
CA ILE A 40 8.93 1.96 2.94
C ILE A 40 9.75 2.33 1.72
N GLU A 41 10.93 2.89 1.95
CA GLU A 41 11.77 3.25 0.82
C GLU A 41 13.23 3.09 1.21
N ASN A 42 14.09 3.13 0.19
CA ASN A 42 15.51 2.93 0.40
C ASN A 42 16.27 4.25 0.23
N VAL A 43 16.89 4.70 1.31
CA VAL A 43 17.68 5.94 1.34
C VAL A 43 19.16 5.61 1.57
N ASP A 44 19.93 5.71 0.49
CA ASP A 44 21.37 5.43 0.51
C ASP A 44 21.69 4.07 1.15
N GLY A 45 20.84 3.08 0.90
CA GLY A 45 21.07 1.75 1.46
C GLY A 45 20.31 1.42 2.73
N SER A 46 19.62 2.39 3.33
CA SER A 46 18.93 2.12 4.58
C SER A 46 17.43 2.22 4.34
N LEU A 47 16.69 1.30 4.94
CA LEU A 47 15.25 1.30 4.80
C LEU A 47 14.62 2.26 5.80
N LYS A 48 13.60 2.97 5.35
CA LYS A 48 12.83 3.79 6.26
C LYS A 48 11.38 3.77 5.82
N TRP A 49 10.52 4.28 6.70
CA TRP A 49 9.13 4.35 6.47
C TRP A 49 8.85 5.57 5.59
N GLN A 50 8.00 5.39 4.60
CA GLN A 50 7.64 6.47 3.73
C GLN A 50 6.39 7.18 4.27
N PRO A 51 6.52 8.45 4.69
CA PRO A 51 5.34 9.10 5.18
C PRO A 51 4.46 9.49 4.00
N SER A 52 3.23 9.89 4.25
CA SER A 52 2.43 10.50 3.19
C SER A 52 1.43 11.44 3.81
N ASN A 53 0.63 12.12 3.00
CA ASN A 53 -0.23 13.15 3.56
C ASN A 53 -1.67 13.13 3.05
N PHE A 54 -1.99 12.11 2.25
CA PHE A 54 -3.31 12.02 1.62
C PHE A 54 -4.40 11.99 2.67
N ILE A 55 -4.17 11.21 3.72
CA ILE A 55 -5.15 10.99 4.78
C ILE A 55 -5.29 12.26 5.62
N GLU A 56 -4.17 12.93 5.87
CA GLU A 56 -4.19 14.08 6.78
C GLU A 56 -4.46 15.43 6.12
N THR A 57 -4.52 15.49 4.78
CA THR A 57 -4.73 16.80 4.13
C THR A 57 -5.70 16.80 2.95
N CYS A 58 -6.36 15.68 2.69
CA CYS A 58 -7.46 15.68 1.74
C CYS A 58 -8.69 15.14 2.45
N ARG A 59 -9.85 15.29 1.84
CA ARG A 59 -11.08 14.91 2.51
C ARG A 59 -12.13 14.50 1.49
N ASN A 60 -13.20 13.86 1.98
CA ASN A 60 -14.38 13.47 1.17
C ASN A 60 -14.08 12.92 -0.19
N THR A 61 -13.39 11.78 -0.23
CA THR A 61 -13.02 11.13 -1.47
C THR A 61 -14.22 10.48 -2.14
N GLN A 62 -14.12 10.25 -3.46
CA GLN A 62 -15.18 9.64 -4.24
C GLN A 62 -14.69 8.97 -5.51
N LEU A 63 -15.34 7.87 -5.86
CA LEU A 63 -15.10 7.20 -7.13
C LEU A 63 -15.90 7.89 -8.25
N ALA A 64 -15.25 8.16 -9.37
CA ALA A 64 -15.93 8.79 -10.52
C ALA A 64 -15.85 7.88 -11.73
N GLY A 65 -16.92 7.16 -11.99
CA GLY A 65 -16.94 6.28 -13.13
C GLY A 65 -15.97 5.13 -12.93
N SER A 66 -15.46 4.61 -14.04
CA SER A 66 -14.60 3.43 -13.97
C SER A 66 -13.48 3.63 -12.95
N SER A 67 -12.56 4.57 -13.23
CA SER A 67 -11.25 4.58 -12.58
C SER A 67 -10.81 5.88 -11.92
N GLU A 68 -11.65 6.90 -11.97
CA GLU A 68 -11.23 8.23 -11.57
C GLU A 68 -11.50 8.47 -10.10
N LEU A 69 -10.46 8.78 -9.34
CA LEU A 69 -10.62 9.10 -7.92
C LEU A 69 -10.70 10.62 -7.75
N ALA A 70 -11.68 11.07 -6.98
CA ALA A 70 -11.87 12.50 -6.78
C ALA A 70 -11.89 12.77 -5.29
N ALA A 71 -11.48 13.99 -4.91
CA ALA A 71 -11.41 14.40 -3.51
C ALA A 71 -11.30 15.89 -3.41
N GLU A 72 -11.23 16.39 -2.18
CA GLU A 72 -10.85 17.78 -1.96
C GLU A 72 -9.59 17.87 -1.12
N CYS A 73 -8.57 18.55 -1.65
CA CYS A 73 -7.27 18.54 -1.02
C CYS A 73 -6.83 19.94 -0.69
N LYS A 74 -5.99 20.05 0.33
CA LYS A 74 -5.53 21.35 0.80
C LYS A 74 -4.31 21.85 0.03
N THR A 75 -4.31 23.14 -0.31
CA THR A 75 -3.22 23.77 -1.06
C THR A 75 -2.17 24.42 -0.17
N ARG A 76 -1.07 24.87 -0.77
CA ARG A 76 -0.02 25.54 -0.04
C ARG A 76 -0.52 26.79 0.66
N ALA A 77 -1.36 27.60 0.01
CA ALA A 77 -2.19 28.53 0.75
C ALA A 77 -3.03 27.51 1.47
N GLN A 78 -3.71 27.85 2.54
CA GLN A 78 -4.39 26.77 3.23
C GLN A 78 -5.86 26.64 2.83
N GLN A 79 -6.12 26.28 1.59
CA GLN A 79 -7.51 26.13 1.16
C GLN A 79 -7.69 24.80 0.42
N PHE A 80 -8.93 24.32 0.36
CA PHE A 80 -9.25 23.06 -0.31
C PHE A 80 -9.70 23.28 -1.72
N VAL A 81 -9.19 22.48 -2.64
CA VAL A 81 -9.67 22.52 -4.03
C VAL A 81 -10.10 21.13 -4.48
N SER A 82 -10.95 21.05 -5.50
CA SER A 82 -11.30 19.74 -6.05
C SER A 82 -10.07 19.25 -6.76
N THR A 83 -9.92 17.96 -6.90
CA THR A 83 -8.75 17.44 -7.54
C THR A 83 -9.11 16.03 -7.92
N LYS A 84 -8.64 15.54 -9.06
CA LYS A 84 -8.86 14.12 -9.37
C LYS A 84 -7.63 13.52 -9.94
N ILE A 85 -7.53 12.20 -9.81
CA ILE A 85 -6.45 11.49 -10.46
C ILE A 85 -7.10 10.23 -11.06
N ASN A 86 -6.64 9.79 -12.24
CA ASN A 86 -7.16 8.58 -12.83
C ASN A 86 -6.42 7.39 -12.28
N LEU A 87 -7.09 6.61 -11.45
CA LEU A 87 -6.46 5.45 -10.86
C LEU A 87 -5.97 4.46 -11.90
N ASP A 88 -6.48 4.54 -13.12
CA ASP A 88 -6.02 3.60 -14.14
C ASP A 88 -4.56 3.82 -14.50
N ASP A 89 -4.02 4.98 -14.14
CA ASP A 89 -2.62 5.26 -14.42
C ASP A 89 -1.75 4.15 -13.85
N HIS A 90 -1.92 3.83 -12.56
CA HIS A 90 -0.98 2.94 -11.91
C HIS A 90 -1.56 1.84 -11.05
N ILE A 91 -2.88 1.72 -11.05
CA ILE A 91 -3.50 0.58 -10.38
C ILE A 91 -3.78 -0.51 -11.39
N ALA A 92 -3.07 -1.63 -11.31
CA ALA A 92 -3.38 -2.75 -12.20
C ALA A 92 -3.97 -3.95 -11.47
N ASN A 93 -4.78 -4.72 -12.21
CA ASN A 93 -5.29 -5.99 -11.73
C ASN A 93 -4.21 -7.04 -11.92
N ILE A 94 -3.70 -7.58 -10.84
CA ILE A 94 -2.75 -8.64 -11.01
C ILE A 94 -3.35 -9.97 -10.53
N ASP A 95 -4.05 -10.61 -11.46
CA ASP A 95 -4.56 -11.95 -11.24
C ASP A 95 -5.52 -11.93 -10.07
N GLY A 96 -6.52 -11.05 -10.13
CA GLY A 96 -7.53 -10.93 -9.08
C GLY A 96 -7.21 -9.96 -7.93
N THR A 97 -5.95 -9.60 -7.80
CA THR A 97 -5.58 -8.60 -6.77
C THR A 97 -5.25 -7.21 -7.36
N LEU A 98 -5.73 -6.15 -6.69
CA LEU A 98 -5.28 -4.79 -6.99
C LEU A 98 -3.82 -4.55 -6.55
N LYS A 99 -3.00 -4.10 -7.49
CA LYS A 99 -1.64 -3.72 -7.18
C LYS A 99 -1.29 -2.37 -7.77
N TYR A 100 -0.43 -1.64 -7.03
CA TYR A 100 0.17 -0.37 -7.46
C TYR A 100 1.53 -0.60 -8.10
N GLU A 101 1.67 -0.25 -9.38
CA GLU A 101 2.95 -0.48 -10.05
C GLU A 101 3.70 0.84 -10.24
N LEU B 1 1.43 0.59 -17.95
CA LEU B 1 1.12 0.23 -16.53
C LEU B 1 -0.34 0.44 -16.07
N GLY B 2 -0.68 -0.11 -14.91
CA GLY B 2 -2.00 0.10 -14.30
C GLY B 2 -3.23 -0.46 -15.00
N LYS B 3 -4.05 0.43 -15.56
CA LYS B 3 -5.26 0.06 -16.35
C LYS B 3 -6.27 -0.90 -15.68
N PHE B 4 -6.00 -1.30 -14.44
CA PHE B 4 -6.83 -2.31 -13.75
C PHE B 4 -8.30 -2.31 -14.14
N SER B 5 -8.86 -1.13 -14.46
CA SER B 5 -10.32 -0.98 -14.56
C SER B 5 -10.90 -1.86 -15.64
N GLN B 6 -10.19 -1.97 -16.75
CA GLN B 6 -10.70 -2.72 -17.88
C GLN B 6 -11.16 -4.13 -17.51
N THR B 7 -10.43 -4.79 -16.61
CA THR B 7 -10.85 -6.11 -16.13
C THR B 7 -11.32 -6.16 -14.65
N CYS B 8 -11.98 -5.10 -14.17
CA CYS B 8 -12.53 -5.13 -12.81
C CYS B 8 -13.88 -4.47 -12.81
N TYR B 9 -14.69 -4.76 -11.81
CA TYR B 9 -16.06 -4.25 -11.83
C TYR B 9 -16.47 -3.97 -10.41
N ASN B 10 -17.41 -3.05 -10.23
CA ASN B 10 -17.96 -2.84 -8.92
C ASN B 10 -16.93 -2.38 -7.97
N SER B 11 -16.18 -1.35 -8.36
CA SER B 11 -15.15 -0.80 -7.53
C SER B 11 -15.74 0.29 -6.64
N ALA B 12 -15.24 0.36 -5.43
CA ALA B 12 -15.62 1.40 -4.51
C ALA B 12 -14.39 1.98 -3.82
N ILE B 13 -14.52 3.25 -3.46
CA ILE B 13 -13.56 3.92 -2.62
C ILE B 13 -14.25 4.28 -1.32
N GLN B 14 -13.54 4.12 -0.22
CA GLN B 14 -14.10 4.54 1.02
C GLN B 14 -12.97 4.95 1.92
N GLY B 15 -13.01 6.20 2.36
CA GLY B 15 -11.86 6.83 3.02
C GLY B 15 -10.79 6.86 1.94
N SER B 16 -9.70 6.11 2.18
CA SER B 16 -8.60 6.00 1.22
C SER B 16 -8.44 4.60 0.64
N VAL B 17 -9.35 3.69 0.98
CA VAL B 17 -9.26 2.31 0.53
C VAL B 17 -10.04 2.09 -0.74
N LEU B 18 -9.35 1.62 -1.77
CA LEU B 18 -10.04 1.16 -2.98
C LEU B 18 -10.35 -0.33 -2.90
N THR B 19 -11.60 -0.67 -3.20
CA THR B 19 -11.94 -2.09 -3.34
C THR B 19 -12.57 -2.34 -4.71
N SER B 20 -12.30 -3.50 -5.28
CA SER B 20 -12.84 -3.83 -6.58
C SER B 20 -12.89 -5.34 -6.73
N THR B 21 -13.61 -5.82 -7.74
CA THR B 21 -13.63 -7.24 -8.04
C THR B 21 -13.10 -7.43 -9.46
N CYS B 22 -12.11 -8.32 -9.60
CA CYS B 22 -11.29 -8.41 -10.83
C CYS B 22 -11.11 -9.85 -11.34
N GLU B 23 -11.08 -10.02 -12.65
CA GLU B 23 -10.98 -11.36 -13.22
C GLU B 23 -9.66 -11.98 -12.84
N ARG B 24 -9.68 -13.15 -12.22
CA ARG B 24 -8.45 -13.93 -12.14
C ARG B 24 -7.99 -14.17 -13.56
N THR B 25 -6.70 -14.40 -13.73
CA THR B 25 -6.15 -14.50 -15.06
C THR B 25 -6.94 -15.53 -15.90
N ASN B 26 -7.01 -16.76 -15.37
CA ASN B 26 -7.85 -17.81 -15.95
C ASN B 26 -8.95 -18.18 -14.95
N GLY B 27 -10.21 -18.02 -15.32
CA GLY B 27 -11.26 -18.46 -14.41
C GLY B 27 -11.89 -17.39 -13.51
N GLY B 28 -11.81 -17.60 -12.19
CA GLY B 28 -12.61 -16.85 -11.20
C GLY B 28 -12.59 -15.30 -11.21
N TYR B 29 -13.19 -14.74 -10.16
CA TYR B 29 -13.27 -13.30 -9.93
C TYR B 29 -12.92 -13.05 -8.47
N ASN B 30 -11.91 -12.21 -8.21
CA ASN B 30 -11.53 -11.88 -6.83
C ASN B 30 -11.86 -10.45 -6.46
N THR B 31 -12.30 -10.30 -5.22
CA THR B 31 -12.51 -9.00 -4.63
C THR B 31 -11.35 -8.77 -3.67
N SER B 32 -10.77 -7.58 -3.76
CA SER B 32 -9.54 -7.22 -3.07
C SER B 32 -9.60 -5.72 -2.89
N SER B 33 -8.80 -5.19 -1.97
CA SER B 33 -8.68 -3.74 -1.88
C SER B 33 -7.25 -3.33 -1.63
N ILE B 34 -6.97 -2.06 -1.86
CA ILE B 34 -5.65 -1.52 -1.60
C ILE B 34 -5.83 -0.16 -0.95
N ASP B 35 -5.07 0.12 0.10
CA ASP B 35 -5.16 1.41 0.77
C ASP B 35 -4.35 2.44 0.05
N LEU B 36 -5.02 3.43 -0.51
CA LEU B 36 -4.35 4.53 -1.17
C LEU B 36 -3.54 5.44 -0.25
N ASN B 37 -3.69 5.30 1.06
CA ASN B 37 -3.03 6.21 1.99
C ASN B 37 -1.58 6.34 1.55
N SER B 38 -1.04 5.27 0.98
CA SER B 38 0.37 5.24 0.77
C SER B 38 0.79 5.22 -0.67
N VAL B 39 -0.13 5.39 -1.60
CA VAL B 39 0.30 5.39 -2.97
C VAL B 39 0.06 6.76 -3.53
N ILE B 40 -0.73 7.56 -2.82
CA ILE B 40 -1.11 8.88 -3.30
C ILE B 40 -0.54 9.97 -2.39
N GLU B 41 -0.13 11.08 -3.01
CA GLU B 41 0.34 12.18 -2.21
C GLU B 41 -0.25 13.42 -2.77
N ASN B 42 -0.54 14.34 -1.86
CA ASN B 42 -1.06 15.63 -2.19
C ASN B 42 0.06 16.65 -2.27
N VAL B 43 0.13 17.35 -3.38
CA VAL B 43 1.15 18.38 -3.56
C VAL B 43 0.49 19.69 -3.90
N ASP B 44 0.46 20.58 -2.92
CA ASP B 44 -0.16 21.88 -3.08
C ASP B 44 -1.57 21.75 -3.65
N GLY B 45 -2.27 20.72 -3.18
CA GLY B 45 -3.67 20.56 -3.55
C GLY B 45 -3.94 19.59 -4.68
N SER B 46 -2.90 18.98 -5.26
CA SER B 46 -3.13 17.98 -6.29
C SER B 46 -2.66 16.60 -5.95
N LEU B 47 -3.47 15.62 -6.32
CA LEU B 47 -3.17 14.25 -6.03
C LEU B 47 -2.10 13.78 -6.98
N LYS B 48 -1.01 13.27 -6.42
CA LYS B 48 0.11 12.82 -7.23
C LYS B 48 0.41 11.39 -6.91
N TRP B 49 0.76 10.61 -7.92
CA TRP B 49 1.23 9.27 -7.66
C TRP B 49 2.55 9.30 -6.87
N GLN B 50 2.59 8.67 -5.73
CA GLN B 50 3.76 8.72 -4.88
C GLN B 50 4.73 7.57 -5.23
N PRO B 51 6.01 7.90 -5.56
CA PRO B 51 7.00 6.89 -5.97
C PRO B 51 7.79 6.32 -4.81
N SER B 52 8.24 5.09 -4.93
CA SER B 52 9.20 4.53 -3.99
C SER B 52 10.13 3.61 -4.73
N ASN B 53 11.37 3.53 -4.28
CA ASN B 53 12.42 2.80 -4.96
C ASN B 53 12.69 1.47 -4.33
N PHE B 54 11.93 1.15 -3.29
CA PHE B 54 12.20 -0.07 -2.56
C PHE B 54 12.46 -1.30 -3.46
N ILE B 55 11.44 -1.75 -4.16
CA ILE B 55 11.53 -2.91 -5.04
C ILE B 55 12.66 -2.72 -6.02
N GLU B 56 12.67 -1.55 -6.64
CA GLU B 56 13.60 -1.25 -7.70
C GLU B 56 15.06 -1.28 -7.28
N THR B 57 15.35 -0.93 -6.03
CA THR B 57 16.74 -0.79 -5.56
C THR B 57 17.15 -1.75 -4.42
N CYS B 58 16.23 -2.57 -3.93
CA CYS B 58 16.57 -3.48 -2.85
C CYS B 58 16.35 -4.89 -3.33
N ARG B 59 16.89 -5.87 -2.60
CA ARG B 59 16.76 -7.29 -3.02
C ARG B 59 16.95 -8.31 -1.89
N ASN B 60 16.50 -9.55 -2.11
CA ASN B 60 16.58 -10.61 -1.08
C ASN B 60 15.84 -10.29 0.20
N THR B 61 14.60 -9.86 0.09
CA THR B 61 13.82 -9.52 1.26
C THR B 61 13.46 -10.79 2.01
N GLN B 62 13.43 -10.71 3.32
CA GLN B 62 13.10 -11.89 4.11
C GLN B 62 12.71 -11.44 5.50
N LEU B 63 11.72 -12.13 6.09
CA LEU B 63 11.25 -11.80 7.43
C LEU B 63 12.09 -12.46 8.54
N ALA B 64 12.77 -11.68 9.38
CA ALA B 64 13.53 -12.28 10.49
C ALA B 64 12.80 -12.12 11.83
N GLY B 65 12.88 -13.16 12.65
CA GLY B 65 12.10 -13.19 13.88
C GLY B 65 10.66 -13.03 13.43
N SER B 66 9.86 -12.37 14.26
CA SER B 66 8.45 -12.18 13.95
C SER B 66 8.09 -10.90 13.19
N SER B 67 8.89 -9.84 13.32
CA SER B 67 8.46 -8.57 12.71
C SER B 67 9.46 -7.88 11.80
N GLU B 68 10.74 -8.14 12.03
CA GLU B 68 11.81 -7.55 11.24
C GLU B 68 11.78 -7.96 9.78
N LEU B 69 11.90 -6.97 8.90
CA LEU B 69 12.14 -7.22 7.50
C LEU B 69 13.63 -6.98 7.19
N ALA B 70 14.23 -7.90 6.45
CA ALA B 70 15.62 -7.69 6.03
C ALA B 70 15.75 -7.68 4.52
N ALA B 71 16.68 -6.88 4.02
CA ALA B 71 17.02 -6.90 2.60
C ALA B 71 18.42 -6.34 2.36
N GLU B 72 18.84 -6.33 1.09
CA GLU B 72 20.06 -5.64 0.73
C GLU B 72 19.62 -4.55 -0.21
N CYS B 73 20.21 -3.37 -0.07
CA CYS B 73 19.82 -2.20 -0.85
C CYS B 73 21.00 -1.42 -1.42
N LYS B 74 20.88 -1.00 -2.68
CA LYS B 74 21.84 -0.09 -3.29
C LYS B 74 21.99 1.27 -2.57
N THR B 75 23.22 1.56 -2.15
CA THR B 75 23.59 2.87 -1.62
C THR B 75 23.67 3.77 -2.82
N ARG B 76 23.58 5.08 -2.58
CA ARG B 76 23.68 6.04 -3.66
C ARG B 76 24.86 5.73 -4.55
N ALA B 77 25.89 5.11 -3.98
CA ALA B 77 27.07 4.76 -4.74
C ALA B 77 26.82 3.45 -5.47
N GLN B 78 25.57 3.07 -5.65
CA GLN B 78 25.28 1.80 -6.35
C GLN B 78 25.85 0.52 -5.69
N GLN B 79 26.14 0.57 -4.41
CA GLN B 79 26.61 -0.62 -3.70
C GLN B 79 25.48 -1.26 -2.90
N PHE B 80 25.39 -2.59 -2.91
CA PHE B 80 24.39 -3.28 -2.10
C PHE B 80 24.85 -3.43 -0.67
N VAL B 81 24.01 -3.04 0.27
CA VAL B 81 24.33 -3.24 1.69
C VAL B 81 23.19 -3.93 2.41
N SER B 82 23.47 -4.50 3.56
CA SER B 82 22.45 -5.13 4.39
C SER B 82 21.66 -4.04 5.05
N THR B 83 20.47 -4.38 5.51
CA THR B 83 19.60 -3.38 6.09
C THR B 83 18.34 -4.09 6.59
N LYS B 84 17.74 -3.56 7.63
CA LYS B 84 16.51 -4.13 8.10
C LYS B 84 15.71 -3.03 8.78
N ILE B 85 14.44 -3.31 9.03
CA ILE B 85 13.54 -2.35 9.60
C ILE B 85 12.47 -3.14 10.34
N ASN B 86 12.02 -2.65 11.48
CA ASN B 86 11.05 -3.38 12.26
C ASN B 86 9.63 -3.07 11.82
N LEU B 87 9.00 -4.06 11.20
CA LEU B 87 7.74 -3.83 10.56
C LEU B 87 6.67 -3.55 11.59
N ASP B 88 7.00 -3.91 12.82
CA ASP B 88 6.15 -3.66 13.97
C ASP B 88 5.90 -2.17 14.26
N ASP B 89 6.87 -1.34 13.94
CA ASP B 89 6.76 0.10 14.15
C ASP B 89 5.47 0.66 13.59
N HIS B 90 5.08 0.25 12.40
CA HIS B 90 3.91 0.88 11.79
C HIS B 90 2.91 -0.04 11.11
N ILE B 91 3.23 -1.33 11.02
CA ILE B 91 2.23 -2.26 10.49
C ILE B 91 1.40 -2.77 11.64
N ALA B 92 0.09 -2.49 11.61
CA ALA B 92 -0.78 -2.97 12.68
C ALA B 92 -1.90 -3.92 12.22
N ASN B 93 -2.35 -4.76 13.15
CA ASN B 93 -3.47 -5.64 12.90
C ASN B 93 -4.76 -4.93 13.29
N ILE B 94 -5.49 -4.47 12.28
CA ILE B 94 -6.78 -3.85 12.51
C ILE B 94 -7.91 -4.84 12.19
N ASP B 95 -8.44 -5.40 13.27
CA ASP B 95 -9.50 -6.37 13.23
C ASP B 95 -9.26 -7.43 12.15
N GLY B 96 -8.05 -7.97 12.12
CA GLY B 96 -7.75 -9.09 11.25
C GLY B 96 -7.05 -8.69 9.96
N THR B 97 -6.98 -7.39 9.70
CA THR B 97 -6.31 -6.91 8.48
C THR B 97 -5.07 -6.07 8.80
N LEU B 98 -3.98 -6.36 8.09
CA LEU B 98 -2.73 -5.64 8.23
C LEU B 98 -2.91 -4.26 7.63
N LYS B 99 -2.42 -3.25 8.31
CA LYS B 99 -2.71 -1.87 7.92
C LYS B 99 -1.48 -1.05 8.21
N TYR B 100 -1.18 -0.12 7.30
CA TYR B 100 -0.11 0.83 7.51
C TYR B 100 -0.65 2.01 8.30
N GLU B 101 -0.11 2.21 9.50
CA GLU B 101 -0.38 3.39 10.30
C GLU B 101 0.91 3.70 11.04
#